data_6EIO
#
_entry.id   6EIO
#
_cell.length_a   45.482
_cell.length_b   50.717
_cell.length_c   92.452
_cell.angle_alpha   90.00
_cell.angle_beta   90.00
_cell.angle_gamma   90.00
#
_symmetry.space_group_name_H-M   'P 21 21 21'
#
loop_
_entity.id
_entity.type
_entity.pdbx_description
1 polymer 'Antifreeze protein'
2 non-polymer GLYCEROL
3 non-polymer 'SULFATE ION'
4 water water
#
_entity_poly.entity_id   1
_entity_poly.type   'polypeptide(L)'
_entity_poly.pdbx_seq_one_letter_code
;MKKEKNDPTTPGTTTTVIPLQTTVQTPITLGSANNFAVIAGSSVTNTGATNITGDLGLSPGTSIGGFPPGILNGTLHIND
AIANQAKLDITTAYNDAAARVASDMVTISGNIGGLTLTPGLYKSTSSLAVSSGDVTFDALGDPSAIFVIQIASTLTTTPG
RKVLLSGGALASNIYWQVSSSASFGTTTSFKGTVIALESITFDTGATLEGRALARNGAVTMEGNTFVLPLEHHHHHH
;
_entity_poly.pdbx_strand_id   A
#
# COMPACT_ATOMS: atom_id res chain seq x y z
N THR A 16 -8.62 2.42 23.06
CA THR A 16 -7.35 2.37 22.34
C THR A 16 -6.77 3.76 22.16
N VAL A 17 -5.69 4.04 22.86
CA VAL A 17 -5.11 5.39 22.90
C VAL A 17 -3.71 5.35 22.29
N ILE A 18 -3.50 6.14 21.25
CA ILE A 18 -2.26 6.15 20.45
C ILE A 18 -1.35 7.27 20.97
N PRO A 19 -0.16 6.95 21.53
CA PRO A 19 0.74 8.03 21.98
C PRO A 19 1.41 8.69 20.79
N LEU A 20 2.09 9.82 21.06
CA LEU A 20 2.78 10.58 20.04
C LEU A 20 4.27 10.25 20.08
N GLN A 21 4.77 9.69 19.00
CA GLN A 21 6.16 9.27 18.89
C GLN A 21 7.09 10.46 18.65
N THR A 22 8.33 10.30 19.11
CA THR A 22 9.37 11.28 18.81
CA THR A 22 9.41 11.25 18.88
C THR A 22 10.33 10.81 17.74
N THR A 23 10.57 9.52 17.60
CA THR A 23 11.50 9.06 16.57
C THR A 23 10.95 9.41 15.19
N VAL A 24 11.79 10.01 14.37
CA VAL A 24 11.42 10.40 13.01
C VAL A 24 11.81 9.26 12.07
N GLN A 25 10.82 8.60 11.46
CA GLN A 25 11.12 7.60 10.46
C GLN A 25 11.59 8.27 9.18
N THR A 26 12.63 7.71 8.58
CA THR A 26 13.06 8.12 7.26
C THR A 26 12.12 7.50 6.22
N PRO A 27 12.06 8.07 5.02
CA PRO A 27 11.32 7.42 3.95
C PRO A 27 11.91 6.03 3.69
N ILE A 28 11.08 5.17 3.13
CA ILE A 28 11.50 3.85 2.67
C ILE A 28 11.81 3.96 1.18
N THR A 29 13.07 3.82 0.80
CA THR A 29 13.46 3.86 -0.60
CA THR A 29 13.37 3.92 -0.62
C THR A 29 12.80 2.71 -1.36
N LEU A 30 12.08 3.03 -2.44
CA LEU A 30 11.46 2.04 -3.29
C LEU A 30 12.27 1.78 -4.56
N GLY A 31 13.33 2.55 -4.78
CA GLY A 31 14.16 2.29 -5.94
C GLY A 31 13.35 2.35 -7.23
N SER A 32 13.60 1.35 -8.08
CA SER A 32 12.98 1.32 -9.39
CA SER A 32 12.98 1.22 -9.40
C SER A 32 11.49 0.99 -9.34
N ALA A 33 10.91 0.76 -8.15
CA ALA A 33 9.47 0.63 -8.04
C ALA A 33 8.75 1.96 -7.98
N ASN A 34 9.45 3.10 -7.90
N ASN A 34 9.48 3.08 -7.86
CA ASN A 34 8.74 4.33 -7.53
CA ASN A 34 8.84 4.37 -7.58
C ASN A 34 7.69 4.76 -8.56
C ASN A 34 7.70 4.70 -8.55
N ASN A 35 7.90 4.48 -9.85
CA ASN A 35 6.96 4.91 -10.88
C ASN A 35 5.94 3.85 -11.24
N PHE A 36 5.94 2.72 -10.53
CA PHE A 36 4.93 1.70 -10.67
C PHE A 36 3.76 1.95 -9.72
N ALA A 37 2.54 1.85 -10.26
CA ALA A 37 1.35 1.75 -9.43
C ALA A 37 1.10 0.33 -8.91
N VAL A 38 1.45 -0.68 -9.71
CA VAL A 38 1.16 -2.07 -9.40
C VAL A 38 2.34 -2.93 -9.84
N ILE A 39 2.79 -3.83 -8.97
CA ILE A 39 3.78 -4.86 -9.30
C ILE A 39 3.30 -6.16 -8.70
N ALA A 40 3.45 -7.26 -9.45
CA ALA A 40 3.18 -8.59 -8.94
C ALA A 40 4.36 -9.52 -9.25
N GLY A 41 4.33 -10.68 -8.60
CA GLY A 41 5.32 -11.72 -8.83
C GLY A 41 4.83 -12.87 -9.68
N SER A 42 3.72 -13.48 -9.30
CA SER A 42 3.30 -14.70 -9.96
C SER A 42 2.39 -14.46 -11.16
N SER A 43 1.42 -13.55 -11.03
CA SER A 43 0.49 -13.24 -12.11
C SER A 43 -0.29 -11.99 -11.72
N VAL A 44 -0.99 -11.46 -12.72
CA VAL A 44 -1.97 -10.40 -12.52
C VAL A 44 -3.27 -10.85 -13.18
N THR A 45 -4.39 -10.66 -12.48
CA THR A 45 -5.69 -10.98 -13.03
C THR A 45 -6.61 -9.78 -12.81
N ASN A 46 -7.26 -9.34 -13.87
CA ASN A 46 -8.20 -8.25 -13.81
C ASN A 46 -9.54 -8.66 -14.41
N THR A 47 -10.60 -8.12 -13.81
CA THR A 47 -11.97 -8.21 -14.27
C THR A 47 -12.52 -6.79 -14.44
N GLY A 48 -13.15 -6.52 -15.59
CA GLY A 48 -13.85 -5.26 -15.78
C GLY A 48 -12.96 -4.04 -15.95
N ALA A 49 -13.57 -2.83 -15.92
N ALA A 49 -13.64 -2.92 -15.70
CA ALA A 49 -12.97 -1.59 -16.42
CA ALA A 49 -13.21 -1.56 -15.97
C ALA A 49 -11.99 -0.89 -15.44
C ALA A 49 -12.29 -1.09 -14.84
N THR A 50 -11.11 -1.68 -14.85
CA THR A 50 -10.02 -1.14 -14.06
C THR A 50 -9.22 -0.15 -14.87
N ASN A 51 -8.77 0.91 -14.20
CA ASN A 51 -7.87 1.87 -14.83
C ASN A 51 -6.69 2.08 -13.90
N ILE A 52 -5.49 1.93 -14.45
CA ILE A 52 -4.23 2.18 -13.74
C ILE A 52 -3.57 3.38 -14.40
N THR A 53 -3.24 4.40 -13.60
CA THR A 53 -2.40 5.51 -14.08
C THR A 53 -1.07 5.36 -13.36
N GLY A 54 -0.08 4.86 -14.09
CA GLY A 54 1.20 4.46 -13.52
C GLY A 54 1.68 3.21 -14.23
N ASP A 55 2.90 2.78 -13.93
CA ASP A 55 3.40 1.60 -14.61
C ASP A 55 2.93 0.32 -13.91
N LEU A 56 2.94 -0.78 -14.66
CA LEU A 56 2.47 -2.08 -14.21
C LEU A 56 3.58 -3.09 -14.47
N GLY A 57 4.01 -3.80 -13.43
CA GLY A 57 5.11 -4.74 -13.53
C GLY A 57 4.74 -6.15 -13.10
N LEU A 58 5.39 -7.13 -13.74
CA LEU A 58 5.24 -8.53 -13.39
C LEU A 58 6.56 -9.23 -13.64
N SER A 59 7.06 -9.92 -12.61
CA SER A 59 8.28 -10.72 -12.74
C SER A 59 8.37 -11.54 -11.47
N PRO A 60 8.70 -12.85 -11.53
CA PRO A 60 9.12 -13.61 -12.71
C PRO A 60 7.96 -14.25 -13.48
N GLY A 61 6.73 -14.10 -13.02
CA GLY A 61 5.58 -14.64 -13.73
C GLY A 61 5.39 -13.99 -15.10
N THR A 62 4.51 -14.60 -15.90
CA THR A 62 4.30 -14.15 -17.27
C THR A 62 2.88 -13.72 -17.60
N SER A 63 1.88 -14.14 -16.84
CA SER A 63 0.48 -13.99 -17.21
C SER A 63 -0.13 -12.76 -16.58
N ILE A 64 -0.61 -11.86 -17.44
CA ILE A 64 -1.51 -10.78 -17.08
C ILE A 64 -2.81 -10.96 -17.86
N GLY A 65 -3.90 -11.15 -17.14
CA GLY A 65 -5.20 -11.32 -17.75
C GLY A 65 -6.07 -10.09 -17.55
N GLY A 66 -6.92 -9.83 -18.52
CA GLY A 66 -7.99 -8.88 -18.34
C GLY A 66 -7.72 -7.46 -18.76
N PHE A 67 -6.69 -7.20 -19.56
CA PHE A 67 -6.46 -5.90 -20.19
C PHE A 67 -6.45 -6.11 -21.70
N PRO A 68 -7.53 -5.80 -22.43
CA PRO A 68 -8.80 -5.26 -21.96
C PRO A 68 -9.65 -6.30 -21.26
N PRO A 69 -10.71 -5.88 -20.55
CA PRO A 69 -11.28 -4.54 -20.47
C PRO A 69 -10.54 -3.54 -19.57
N GLY A 70 -9.60 -4.02 -18.75
CA GLY A 70 -8.79 -3.10 -17.99
C GLY A 70 -7.97 -2.24 -18.94
N ILE A 71 -7.64 -1.04 -18.46
CA ILE A 71 -6.84 -0.10 -19.22
CA ILE A 71 -6.89 -0.02 -19.21
C ILE A 71 -5.66 0.36 -18.39
N LEU A 72 -4.50 0.32 -19.01
CA LEU A 72 -3.25 0.77 -18.42
C LEU A 72 -2.85 2.09 -19.10
N ASN A 73 -2.91 3.18 -18.33
CA ASN A 73 -2.35 4.46 -18.76
C ASN A 73 -0.97 4.55 -18.11
N GLY A 74 -0.01 3.92 -18.79
CA GLY A 74 1.30 3.65 -18.23
C GLY A 74 1.94 2.56 -19.07
N THR A 75 3.12 2.12 -18.63
CA THR A 75 3.89 1.14 -19.38
C THR A 75 3.87 -0.21 -18.65
N LEU A 76 3.64 -1.26 -19.45
CA LEU A 76 3.64 -2.64 -19.00
C LEU A 76 5.06 -3.21 -19.08
N HIS A 77 5.55 -3.72 -17.97
CA HIS A 77 6.90 -4.25 -17.84
C HIS A 77 6.82 -5.68 -17.31
N ILE A 78 7.02 -6.66 -18.20
CA ILE A 78 6.96 -8.06 -17.85
C ILE A 78 8.33 -8.68 -18.09
N ASN A 79 9.00 -9.10 -17.03
CA ASN A 79 10.27 -9.81 -17.13
C ASN A 79 11.29 -9.06 -17.98
N ASP A 80 11.27 -7.75 -17.87
CA ASP A 80 12.22 -6.90 -18.56
C ASP A 80 13.17 -6.25 -17.56
N ALA A 81 14.08 -5.41 -18.05
CA ALA A 81 15.10 -4.88 -17.17
C ALA A 81 14.48 -4.12 -15.99
N ILE A 82 13.51 -3.25 -16.27
CA ILE A 82 12.93 -2.43 -15.21
C ILE A 82 12.13 -3.29 -14.24
N ALA A 83 11.29 -4.22 -14.74
CA ALA A 83 10.53 -5.05 -13.81
C ALA A 83 11.45 -5.89 -12.94
N ASN A 84 12.50 -6.46 -13.53
CA ASN A 84 13.36 -7.33 -12.75
C ASN A 84 14.06 -6.55 -11.65
N GLN A 85 14.54 -5.34 -11.97
CA GLN A 85 15.16 -4.52 -10.95
C GLN A 85 14.14 -4.09 -9.90
N ALA A 86 12.91 -3.80 -10.33
CA ALA A 86 11.89 -3.39 -9.38
C ALA A 86 11.59 -4.50 -8.37
N LYS A 87 11.62 -5.76 -8.79
CA LYS A 87 11.42 -6.84 -7.81
C LYS A 87 12.53 -6.85 -6.77
N LEU A 88 13.78 -6.69 -7.20
CA LEU A 88 14.89 -6.62 -6.25
C LEU A 88 14.68 -5.45 -5.30
N ASP A 89 14.22 -4.33 -5.84
CA ASP A 89 14.08 -3.11 -5.04
C ASP A 89 12.89 -3.19 -4.08
N ILE A 90 11.82 -3.91 -4.44
CA ILE A 90 10.74 -4.08 -3.48
C ILE A 90 11.12 -5.09 -2.40
N THR A 91 11.97 -6.08 -2.71
CA THR A 91 12.51 -6.92 -1.64
C THR A 91 13.31 -6.08 -0.66
N THR A 92 14.18 -5.20 -1.18
CA THR A 92 14.94 -4.31 -0.31
C THR A 92 14.02 -3.46 0.56
N ALA A 93 13.00 -2.87 -0.06
CA ALA A 93 12.08 -2.00 0.67
C ALA A 93 11.29 -2.77 1.73
N TYR A 94 10.83 -3.97 1.37
CA TYR A 94 10.11 -4.81 2.32
C TYR A 94 10.98 -5.12 3.54
N ASN A 95 12.22 -5.52 3.29
CA ASN A 95 13.12 -5.89 4.37
C ASN A 95 13.46 -4.67 5.23
N ASP A 96 13.65 -3.51 4.60
CA ASP A 96 13.89 -2.26 5.33
C ASP A 96 12.71 -1.98 6.26
N ALA A 97 11.52 -1.97 5.68
CA ALA A 97 10.31 -1.70 6.47
C ALA A 97 10.19 -2.66 7.63
N ALA A 98 10.39 -3.97 7.38
CA ALA A 98 10.16 -4.98 8.41
C ALA A 98 11.21 -4.92 9.52
N ALA A 99 12.41 -4.42 9.23
CA ALA A 99 13.48 -4.43 10.20
C ALA A 99 13.48 -3.21 11.10
N ARG A 100 12.72 -2.18 10.79
CA ARG A 100 12.79 -0.96 11.58
C ARG A 100 12.34 -1.22 13.00
N VAL A 101 13.05 -0.60 13.96
CA VAL A 101 12.70 -0.64 15.36
C VAL A 101 12.93 0.74 15.97
N ALA A 102 12.17 1.05 17.01
CA ALA A 102 12.38 2.27 17.77
C ALA A 102 11.84 2.06 19.16
N SER A 103 12.49 2.68 20.14
CA SER A 103 12.08 2.49 21.53
C SER A 103 10.65 2.97 21.78
N ASP A 104 10.18 3.94 21.00
CA ASP A 104 8.87 4.53 21.14
C ASP A 104 7.87 4.02 20.08
N MET A 105 8.18 2.94 19.38
CA MET A 105 7.24 2.39 18.41
CA MET A 105 7.21 2.43 18.42
C MET A 105 5.96 1.95 19.14
N VAL A 106 4.86 1.91 18.39
CA VAL A 106 3.55 1.64 18.95
C VAL A 106 3.01 0.34 18.39
N THR A 107 2.52 -0.52 19.28
CA THR A 107 1.83 -1.72 18.86
C THR A 107 0.34 -1.43 18.66
N ILE A 108 -0.17 -1.88 17.52
CA ILE A 108 -1.58 -1.80 17.15
C ILE A 108 -1.89 -3.13 16.48
N SER A 109 -3.14 -3.58 16.55
CA SER A 109 -3.52 -4.78 15.81
C SER A 109 -5.03 -4.78 15.65
N GLY A 110 -5.50 -5.68 14.80
CA GLY A 110 -6.92 -5.83 14.65
C GLY A 110 -7.56 -4.64 13.96
N ASN A 111 -8.82 -4.39 14.31
CA ASN A 111 -9.54 -3.29 13.70
C ASN A 111 -8.98 -1.95 14.17
N ILE A 112 -8.56 -1.13 13.21
CA ILE A 112 -8.11 0.24 13.48
C ILE A 112 -9.06 1.28 12.92
N GLY A 113 -10.24 0.88 12.46
CA GLY A 113 -11.24 1.86 12.09
C GLY A 113 -11.56 2.77 13.25
N GLY A 114 -11.74 4.06 12.94
CA GLY A 114 -11.98 5.09 13.93
C GLY A 114 -10.73 5.69 14.53
N LEU A 115 -9.56 5.14 14.24
CA LEU A 115 -8.35 5.62 14.88
C LEU A 115 -7.65 6.66 14.01
N THR A 116 -6.96 7.57 14.70
CA THR A 116 -6.00 8.45 14.10
C THR A 116 -4.59 7.98 14.44
N LEU A 117 -3.78 7.83 13.43
CA LEU A 117 -2.38 7.46 13.56
C LEU A 117 -1.53 8.69 13.25
N THR A 118 -0.72 9.09 14.21
CA THR A 118 0.25 10.15 14.06
C THR A 118 1.58 9.57 13.57
N PRO A 119 2.55 10.42 13.20
CA PRO A 119 3.73 9.91 12.50
C PRO A 119 4.53 8.93 13.35
N GLY A 120 5.18 7.99 12.67
CA GLY A 120 6.09 7.08 13.33
C GLY A 120 5.95 5.66 12.83
N LEU A 121 6.27 4.72 13.73
CA LEU A 121 6.41 3.30 13.44
C LEU A 121 5.38 2.54 14.26
N TYR A 122 4.66 1.65 13.58
CA TYR A 122 3.61 0.84 14.18
C TYR A 122 3.86 -0.62 13.85
N LYS A 123 3.56 -1.50 14.80
CA LYS A 123 3.73 -2.93 14.61
C LYS A 123 2.50 -3.69 15.06
N SER A 124 1.98 -4.50 14.14
CA SER A 124 0.90 -5.43 14.42
C SER A 124 1.45 -6.85 14.39
N THR A 125 1.26 -7.58 15.49
CA THR A 125 1.71 -8.96 15.57
C THR A 125 0.66 -9.94 15.08
N SER A 126 -0.50 -9.45 14.65
CA SER A 126 -1.56 -10.28 14.09
C SER A 126 -2.15 -9.53 12.90
N SER A 127 -3.34 -9.93 12.46
CA SER A 127 -3.96 -9.29 11.32
CA SER A 127 -3.92 -9.27 11.31
C SER A 127 -4.36 -7.85 11.68
N LEU A 128 -4.23 -6.95 10.69
CA LEU A 128 -4.63 -5.56 10.83
C LEU A 128 -5.78 -5.32 9.84
N ALA A 129 -6.80 -4.60 10.29
CA ALA A 129 -8.00 -4.44 9.46
C ALA A 129 -8.58 -3.05 9.65
N VAL A 130 -9.26 -2.57 8.63
CA VAL A 130 -10.19 -1.48 8.77
C VAL A 130 -11.56 -2.09 8.56
N SER A 131 -12.27 -2.37 9.66
CA SER A 131 -13.54 -3.10 9.57
C SER A 131 -14.75 -2.25 9.84
N SER A 132 -14.62 -1.26 10.69
CA SER A 132 -15.71 -0.34 10.94
C SER A 132 -15.04 1.01 10.95
N GLY A 133 -15.70 2.00 10.38
N GLY A 133 -15.66 1.97 10.31
CA GLY A 133 -15.10 3.34 10.35
CA GLY A 133 -14.99 3.23 10.25
C GLY A 133 -14.03 3.49 9.28
C GLY A 133 -13.67 3.29 9.50
N ASP A 134 -13.19 4.51 9.48
CA ASP A 134 -12.08 4.89 8.62
C ASP A 134 -10.84 5.07 9.47
N VAL A 135 -9.66 4.92 8.88
CA VAL A 135 -8.42 5.21 9.57
CA VAL A 135 -8.38 5.18 9.54
C VAL A 135 -7.85 6.51 9.02
N THR A 136 -7.41 7.39 9.93
CA THR A 136 -6.88 8.69 9.54
C THR A 136 -5.40 8.76 9.89
N PHE A 137 -4.60 9.16 8.92
CA PHE A 137 -3.19 9.48 9.14
C PHE A 137 -3.10 10.99 9.28
N ASP A 138 -2.58 11.45 10.42
CA ASP A 138 -2.57 12.86 10.75
C ASP A 138 -1.12 13.28 10.99
N ALA A 139 -0.60 14.13 10.10
CA ALA A 139 0.79 14.57 10.14
C ALA A 139 1.02 15.76 11.04
N LEU A 140 -0.02 16.27 11.71
CA LEU A 140 0.14 17.32 12.72
C LEU A 140 0.77 18.58 12.15
N GLY A 141 0.59 18.83 10.86
CA GLY A 141 1.06 20.05 10.22
C GLY A 141 2.43 19.94 9.58
N ASP A 142 3.01 18.75 9.52
CA ASP A 142 4.32 18.53 8.91
C ASP A 142 4.16 17.54 7.76
N PRO A 143 3.98 18.02 6.53
CA PRO A 143 3.79 17.09 5.40
C PRO A 143 4.92 16.09 5.23
N SER A 144 6.13 16.40 5.69
CA SER A 144 7.25 15.47 5.52
CA SER A 144 7.25 15.48 5.54
C SER A 144 7.13 14.24 6.41
N ALA A 145 6.14 14.20 7.30
CA ALA A 145 6.00 13.09 8.23
C ALA A 145 5.87 11.75 7.50
N ILE A 146 6.51 10.74 8.08
CA ILE A 146 6.49 9.37 7.57
C ILE A 146 5.75 8.46 8.55
N PHE A 147 4.97 7.53 7.98
CA PHE A 147 4.20 6.55 8.73
C PHE A 147 4.54 5.17 8.19
N VAL A 148 5.03 4.28 9.05
CA VAL A 148 5.40 2.92 8.65
C VAL A 148 4.63 1.94 9.52
N ILE A 149 3.92 1.01 8.87
CA ILE A 149 3.09 0.03 9.56
CA ILE A 149 3.13 0.01 9.59
C ILE A 149 3.60 -1.37 9.19
N GLN A 150 4.05 -2.14 10.19
CA GLN A 150 4.56 -3.49 10.04
C GLN A 150 3.45 -4.46 10.44
N ILE A 151 3.14 -5.42 9.59
CA ILE A 151 1.99 -6.30 9.81
C ILE A 151 2.44 -7.76 9.69
N ALA A 152 2.33 -8.52 10.79
CA ALA A 152 2.84 -9.89 10.84
C ALA A 152 1.98 -10.88 10.07
N SER A 153 0.72 -10.55 9.78
N SER A 153 0.77 -10.48 9.69
CA SER A 153 -0.10 -11.40 8.93
CA SER A 153 -0.19 -11.36 9.07
C SER A 153 -0.81 -10.51 7.89
C SER A 153 -0.80 -10.65 7.85
N THR A 154 -2.12 -10.62 7.78
CA THR A 154 -2.85 -10.01 6.69
C THR A 154 -3.28 -8.59 7.01
N LEU A 155 -3.57 -7.86 5.92
CA LEU A 155 -4.14 -6.52 5.96
C LEU A 155 -5.45 -6.56 5.16
N THR A 156 -6.57 -6.18 5.78
CA THR A 156 -7.84 -6.27 5.08
C THR A 156 -8.72 -5.07 5.42
N THR A 157 -9.69 -4.84 4.52
CA THR A 157 -10.75 -3.88 4.77
C THR A 157 -12.09 -4.50 4.38
N THR A 158 -13.14 -4.09 5.10
CA THR A 158 -14.50 -4.39 4.66
C THR A 158 -14.91 -3.37 3.60
N PRO A 159 -16.06 -3.58 2.98
CA PRO A 159 -16.51 -2.64 1.95
C PRO A 159 -16.61 -1.20 2.43
N GLY A 160 -16.19 -0.28 1.55
CA GLY A 160 -16.44 1.12 1.75
C GLY A 160 -15.56 1.82 2.77
N ARG A 161 -14.56 1.12 3.32
N ARG A 161 -14.56 1.17 3.32
CA ARG A 161 -13.65 1.72 4.29
CA ARG A 161 -13.78 1.87 4.33
C ARG A 161 -12.72 2.72 3.61
C ARG A 161 -12.67 2.67 3.67
N LYS A 162 -12.19 3.67 4.39
CA LYS A 162 -11.33 4.70 3.83
C LYS A 162 -10.08 4.86 4.67
N VAL A 163 -8.97 5.16 3.97
CA VAL A 163 -7.77 5.76 4.55
C VAL A 163 -7.85 7.26 4.26
N LEU A 164 -7.89 8.05 5.32
CA LEU A 164 -8.03 9.49 5.24
C LEU A 164 -6.73 10.16 5.66
N LEU A 165 -6.53 11.37 5.13
CA LEU A 165 -5.37 12.19 5.43
C LEU A 165 -5.80 13.46 6.14
N SER A 166 -5.10 13.81 7.20
CA SER A 166 -5.32 15.05 7.92
C SER A 166 -3.98 15.66 8.29
N GLY A 167 -4.03 16.94 8.66
CA GLY A 167 -2.82 17.59 9.16
C GLY A 167 -1.69 17.62 8.17
N GLY A 168 -2.01 17.59 6.87
CA GLY A 168 -1.00 17.64 5.83
C GLY A 168 -0.39 16.31 5.45
N ALA A 169 -0.91 15.20 5.95
CA ALA A 169 -0.32 13.90 5.65
C ALA A 169 -0.42 13.59 4.15
N LEU A 170 0.57 12.83 3.68
CA LEU A 170 0.73 12.53 2.27
C LEU A 170 0.72 11.02 2.03
N ALA A 171 0.01 10.59 0.97
CA ALA A 171 0.01 9.19 0.59
C ALA A 171 1.39 8.68 0.17
N SER A 172 2.25 9.58 -0.31
CA SER A 172 3.63 9.24 -0.65
C SER A 172 4.45 8.82 0.57
N ASN A 173 3.93 9.04 1.77
CA ASN A 173 4.70 8.95 2.99
C ASN A 173 4.15 7.89 3.95
N ILE A 174 3.25 7.04 3.46
CA ILE A 174 2.60 5.99 4.24
C ILE A 174 2.98 4.65 3.61
N TYR A 175 3.45 3.73 4.45
CA TYR A 175 3.91 2.43 3.99
C TYR A 175 3.29 1.33 4.86
N TRP A 176 2.80 0.29 4.20
CA TRP A 176 2.19 -0.87 4.84
C TRP A 176 3.03 -2.09 4.42
N GLN A 177 3.76 -2.68 5.37
CA GLN A 177 4.53 -3.88 5.13
C GLN A 177 3.70 -5.07 5.59
N VAL A 178 3.35 -5.95 4.66
CA VAL A 178 2.38 -7.01 4.89
C VAL A 178 3.09 -8.35 4.74
N SER A 179 3.15 -9.13 5.83
CA SER A 179 3.95 -10.34 5.81
C SER A 179 3.26 -11.49 5.09
N SER A 180 1.95 -11.40 4.87
CA SER A 180 1.28 -12.40 4.03
CA SER A 180 1.19 -12.38 4.13
C SER A 180 0.58 -11.67 2.90
N SER A 181 -0.75 -11.55 2.90
CA SER A 181 -1.51 -10.98 1.81
C SER A 181 -2.43 -9.87 2.31
N ALA A 182 -2.90 -9.07 1.36
CA ALA A 182 -3.85 -8.01 1.63
C ALA A 182 -5.09 -8.17 0.76
N SER A 183 -6.25 -7.81 1.33
CA SER A 183 -7.55 -7.91 0.65
CA SER A 183 -7.50 -7.86 0.58
C SER A 183 -8.37 -6.65 0.94
N PHE A 184 -8.73 -5.90 -0.08
CA PHE A 184 -9.47 -4.66 0.07
C PHE A 184 -10.90 -4.83 -0.43
N GLY A 185 -11.85 -4.63 0.46
CA GLY A 185 -13.24 -4.84 0.11
C GLY A 185 -13.76 -3.83 -0.90
N THR A 186 -14.90 -4.17 -1.49
CA THR A 186 -15.51 -3.32 -2.51
CA THR A 186 -15.48 -3.33 -2.53
C THR A 186 -15.56 -1.88 -2.06
N THR A 187 -15.25 -0.96 -2.99
CA THR A 187 -15.30 0.49 -2.82
C THR A 187 -14.42 1.03 -1.69
N THR A 188 -13.50 0.25 -1.14
CA THR A 188 -12.50 0.80 -0.24
C THR A 188 -11.73 1.89 -0.97
N SER A 189 -11.44 2.99 -0.27
CA SER A 189 -10.53 4.00 -0.80
CA SER A 189 -10.53 4.02 -0.78
CA SER A 189 -10.53 4.02 -0.78
C SER A 189 -9.25 3.95 0.05
N PHE A 190 -8.28 3.20 -0.45
CA PHE A 190 -7.05 2.97 0.28
C PHE A 190 -5.98 3.97 -0.16
N LYS A 191 -4.97 4.16 0.70
CA LYS A 191 -3.86 5.06 0.37
C LYS A 191 -2.56 4.48 0.93
N GLY A 192 -1.47 4.81 0.24
CA GLY A 192 -0.14 4.45 0.66
C GLY A 192 0.45 3.33 -0.20
N THR A 193 1.69 2.98 0.15
CA THR A 193 2.42 1.93 -0.54
C THR A 193 2.27 0.64 0.24
N VAL A 194 1.62 -0.35 -0.37
CA VAL A 194 1.40 -1.66 0.24
C VAL A 194 2.46 -2.61 -0.36
N ILE A 195 3.31 -3.16 0.51
CA ILE A 195 4.34 -4.10 0.07
C ILE A 195 4.04 -5.42 0.76
N ALA A 196 3.52 -6.38 -0.01
CA ALA A 196 3.09 -7.67 0.53
C ALA A 196 4.06 -8.76 0.09
N LEU A 197 4.32 -9.70 1.00
CA LEU A 197 5.16 -10.84 0.62
C LEU A 197 4.46 -11.70 -0.43
N GLU A 198 3.16 -11.90 -0.26
CA GLU A 198 2.39 -12.84 -1.08
C GLU A 198 1.52 -12.07 -2.06
N SER A 199 0.21 -12.00 -1.84
CA SER A 199 -0.74 -11.50 -2.83
C SER A 199 -1.49 -10.27 -2.31
N ILE A 200 -2.06 -9.53 -3.27
CA ILE A 200 -2.90 -8.38 -2.97
C ILE A 200 -4.13 -8.45 -3.87
N THR A 201 -5.31 -8.34 -3.26
CA THR A 201 -6.57 -8.36 -3.99
C THR A 201 -7.36 -7.10 -3.70
N PHE A 202 -7.91 -6.51 -4.76
CA PHE A 202 -8.84 -5.38 -4.66
CA PHE A 202 -8.85 -5.40 -4.68
C PHE A 202 -10.18 -5.83 -5.25
N ASP A 203 -11.25 -5.72 -4.44
CA ASP A 203 -12.58 -6.07 -4.87
CA ASP A 203 -12.57 -6.07 -4.89
C ASP A 203 -13.24 -4.89 -5.60
N THR A 204 -14.41 -5.16 -6.19
CA THR A 204 -15.03 -4.24 -7.16
C THR A 204 -15.09 -2.81 -6.67
N GLY A 205 -14.54 -1.90 -7.49
CA GLY A 205 -14.69 -0.49 -7.24
C GLY A 205 -13.77 0.09 -6.21
N ALA A 206 -12.95 -0.72 -5.54
CA ALA A 206 -11.96 -0.17 -4.64
C ALA A 206 -10.95 0.68 -5.43
N THR A 207 -10.36 1.64 -4.72
CA THR A 207 -9.40 2.56 -5.30
C THR A 207 -8.15 2.62 -4.43
N LEU A 208 -7.05 3.04 -5.06
CA LEU A 208 -5.79 3.21 -4.35
C LEU A 208 -5.10 4.46 -4.88
N GLU A 209 -4.69 5.34 -3.97
CA GLU A 209 -3.73 6.41 -4.22
C GLU A 209 -2.47 5.95 -3.50
N GLY A 210 -1.50 5.42 -4.26
CA GLY A 210 -0.43 4.66 -3.64
C GLY A 210 0.12 3.64 -4.62
N ARG A 211 0.53 2.49 -4.08
CA ARG A 211 1.09 1.42 -4.90
C ARG A 211 0.70 0.09 -4.28
N ALA A 212 0.47 -0.90 -5.13
CA ALA A 212 0.21 -2.27 -4.71
C ALA A 212 1.37 -3.11 -5.22
N LEU A 213 2.27 -3.48 -4.32
CA LEU A 213 3.54 -4.13 -4.67
C LEU A 213 3.56 -5.51 -4.01
N ALA A 214 3.27 -6.55 -4.80
CA ALA A 214 3.26 -7.92 -4.32
C ALA A 214 4.55 -8.60 -4.76
N ARG A 215 5.27 -9.17 -3.81
CA ARG A 215 6.56 -9.76 -4.10
C ARG A 215 6.42 -11.12 -4.80
N ASN A 216 5.79 -12.09 -4.13
CA ASN A 216 5.84 -13.45 -4.63
C ASN A 216 4.52 -13.95 -5.19
N GLY A 217 3.41 -13.31 -4.83
CA GLY A 217 2.11 -13.71 -5.28
C GLY A 217 1.53 -12.80 -6.34
N ALA A 218 0.21 -12.77 -6.38
CA ALA A 218 -0.54 -12.21 -7.47
C ALA A 218 -1.24 -10.93 -7.05
N VAL A 219 -1.49 -10.06 -8.01
CA VAL A 219 -2.41 -8.95 -7.83
C VAL A 219 -3.68 -9.24 -8.61
N THR A 220 -4.81 -9.21 -7.90
CA THR A 220 -6.13 -9.45 -8.47
C THR A 220 -6.93 -8.15 -8.34
N MET A 221 -7.57 -7.75 -9.43
CA MET A 221 -8.27 -6.49 -9.52
CA MET A 221 -8.28 -6.49 -9.54
C MET A 221 -9.66 -6.72 -10.13
N GLU A 222 -10.61 -5.90 -9.72
CA GLU A 222 -11.94 -5.89 -10.32
C GLU A 222 -12.47 -4.45 -10.30
N GLY A 223 -12.57 -3.85 -11.48
CA GLY A 223 -13.13 -2.52 -11.58
C GLY A 223 -12.50 -1.49 -10.66
N ASN A 224 -11.17 -1.46 -10.57
CA ASN A 224 -10.49 -0.58 -9.63
C ASN A 224 -9.94 0.67 -10.30
N THR A 225 -9.65 1.68 -9.47
CA THR A 225 -8.92 2.85 -9.91
C THR A 225 -7.62 2.94 -9.12
N PHE A 226 -6.49 2.94 -9.84
CA PHE A 226 -5.17 3.09 -9.24
C PHE A 226 -4.53 4.36 -9.77
N VAL A 227 -4.03 5.20 -8.86
CA VAL A 227 -3.18 6.33 -9.21
C VAL A 227 -2.02 6.36 -8.24
N LEU A 228 -0.92 6.97 -8.65
CA LEU A 228 0.21 7.18 -7.77
C LEU A 228 -0.09 8.30 -6.76
N PRO A 229 0.64 8.32 -5.65
CA PRO A 229 0.49 9.43 -4.70
C PRO A 229 0.62 10.78 -5.38
N LEU A 230 -0.13 11.74 -4.88
CA LEU A 230 0.03 13.10 -5.34
C LEU A 230 1.50 13.50 -5.17
N GLU A 231 2.10 14.10 -6.20
CA GLU A 231 3.53 14.49 -6.13
C GLU A 231 4.40 13.34 -5.61
N HIS A 232 4.25 12.18 -6.26
CA HIS A 232 4.77 10.93 -5.69
C HIS A 232 6.28 10.92 -5.58
N HIS A 233 6.99 11.74 -6.35
CA HIS A 233 8.43 11.75 -6.30
C HIS A 233 8.98 12.66 -5.21
N HIS A 234 8.13 13.21 -4.36
CA HIS A 234 8.52 14.03 -3.23
C HIS A 234 7.94 13.50 -1.93
N HIS A 235 8.72 13.62 -0.86
CA HIS A 235 8.25 13.37 0.50
C HIS A 235 8.09 14.63 1.33
N HIS A 236 8.70 15.75 0.96
CA HIS A 236 8.63 16.93 1.80
C HIS A 236 7.36 17.73 1.59
N HIS A 237 6.71 17.57 0.44
N HIS A 237 6.70 17.56 0.44
CA HIS A 237 5.48 18.29 0.11
CA HIS A 237 5.45 18.25 0.14
C HIS A 237 4.62 17.40 -0.78
C HIS A 237 4.61 17.40 -0.79
#